data_8KI0
#
_entry.id   8KI0
#
_cell.length_a   33.561
_cell.length_b   158.717
_cell.length_c   33.534
_cell.angle_alpha   90.00
_cell.angle_beta   97.58
_cell.angle_gamma   90.00
#
_symmetry.space_group_name_H-M   'P 1 21 1'
#
loop_
_entity.id
_entity.type
_entity.pdbx_description
1 polymer 'Heme acquisition protein HasAp'
2 non-polymer [5,10,15,20-tetraphenylporphyrinato(2-)-kappa~4~N~21~,N~22~,N~23~,N~24~]iron
3 non-polymer '2-[N-CYCLOHEXYLAMINO]ETHANE SULFONIC ACID'
4 non-polymer GLYCEROL
5 non-polymer 'SODIUM ION'
6 water water
#
_entity_poly.entity_id   1
_entity_poly.type   'polypeptide(L)'
_entity_poly.pdbx_seq_one_letter_code
;GSMSISISYSATYGGNTVAQYLTDWSAYFGDVNHRPGEVVDGTNTGGFNPGPFDGTQYAIKSTASDAAFVADGNLHYTLF
SNPSHTLWGSVDTISLGDTLAGGSGSNYNLVSQEVSFTNLGLNSLKEEGRAGEVHKVVYGLMSGDSSALAGEIDALLKAI
DPSLSVNSTFDDLAAAGVAHVNPAA
;
_entity_poly.pdbx_strand_id   A,B
#
loop_
_chem_comp.id
_chem_comp.type
_chem_comp.name
_chem_comp.formula
GOL non-polymer GLYCEROL 'C3 H8 O3'
MQP non-polymer [5,10,15,20-tetraphenylporphyrinato(2-)-kappa~4~N~21~,N~22~,N~23~,N~24~]iron 'C44 H28 Fe N4'
NA non-polymer 'SODIUM ION' 'Na 1'
NHE non-polymer '2-[N-CYCLOHEXYLAMINO]ETHANE SULFONIC ACID' 'C8 H17 N O3 S'
#
# COMPACT_ATOMS: atom_id res chain seq x y z
N MET A 3 26.18 -6.46 -22.67
CA MET A 3 25.34 -5.26 -22.95
C MET A 3 25.76 -4.13 -21.99
N SER A 4 26.39 -3.09 -22.53
N SER A 4 26.40 -3.09 -22.54
CA SER A 4 26.91 -1.92 -21.78
CA SER A 4 26.90 -1.91 -21.78
C SER A 4 25.72 -1.02 -21.39
C SER A 4 25.71 -1.04 -21.38
N ILE A 5 25.94 -0.11 -20.45
CA ILE A 5 24.90 0.86 -20.01
C ILE A 5 24.33 1.57 -21.24
N SER A 6 23.01 1.68 -21.33
CA SER A 6 22.28 2.45 -22.36
C SER A 6 21.42 3.49 -21.67
N ILE A 7 21.37 4.70 -22.21
CA ILE A 7 20.73 5.87 -21.55
C ILE A 7 19.73 6.48 -22.52
N SER A 8 18.52 6.79 -22.03
CA SER A 8 17.52 7.57 -22.79
C SER A 8 17.20 8.82 -21.98
N TYR A 9 17.06 9.96 -22.66
CA TYR A 9 16.88 11.27 -22.01
C TYR A 9 16.00 12.18 -22.86
N SER A 10 15.16 12.95 -22.17
N SER A 10 15.14 12.95 -22.18
CA SER A 10 14.39 14.10 -22.71
CA SER A 10 14.38 14.06 -22.79
C SER A 10 15.38 15.15 -23.25
C SER A 10 15.37 15.14 -23.25
N ALA A 11 15.15 15.68 -24.45
CA ALA A 11 16.07 16.62 -25.13
C ALA A 11 16.41 17.82 -24.22
N THR A 12 15.47 18.19 -23.34
CA THR A 12 15.61 19.18 -22.22
C THR A 12 17.01 19.07 -21.60
N TYR A 13 17.44 17.86 -21.27
CA TYR A 13 18.64 17.62 -20.42
C TYR A 13 19.91 17.38 -21.25
N GLY A 14 19.90 17.66 -22.56
CA GLY A 14 21.03 17.35 -23.44
C GLY A 14 22.33 17.98 -22.96
N GLY A 15 22.26 19.21 -22.43
CA GLY A 15 23.43 19.98 -21.98
C GLY A 15 23.73 19.79 -20.51
N ASN A 16 22.90 19.03 -19.79
CA ASN A 16 23.14 18.67 -18.37
C ASN A 16 24.16 17.52 -18.35
N THR A 17 25.03 17.47 -17.34
CA THR A 17 25.84 16.25 -17.08
C THR A 17 24.93 15.25 -16.36
N VAL A 18 25.30 13.97 -16.43
CA VAL A 18 24.54 12.91 -15.74
C VAL A 18 24.54 13.21 -14.24
N ALA A 19 25.70 13.54 -13.65
CA ALA A 19 25.83 13.86 -12.21
C ALA A 19 24.93 15.06 -11.86
N GLN A 20 24.89 16.09 -12.69
CA GLN A 20 24.05 17.30 -12.47
C GLN A 20 22.58 16.89 -12.43
N TYR A 21 22.15 16.11 -13.41
CA TYR A 21 20.74 15.65 -13.49
C TYR A 21 20.40 14.87 -12.20
N LEU A 22 21.24 13.91 -11.81
CA LEU A 22 20.97 13.04 -10.64
C LEU A 22 20.89 13.88 -9.38
N THR A 23 21.79 14.85 -9.20
CA THR A 23 21.84 15.72 -7.99
C THR A 23 20.58 16.58 -7.93
N ASP A 24 20.19 17.14 -9.06
CA ASP A 24 18.98 17.99 -9.14
C ASP A 24 17.73 17.12 -8.87
N TRP A 25 17.61 15.99 -9.54
CA TRP A 25 16.41 15.12 -9.38
C TRP A 25 16.28 14.72 -7.90
N SER A 26 17.39 14.38 -7.27
CA SER A 26 17.38 13.92 -5.86
C SER A 26 16.90 15.05 -4.94
N ALA A 27 17.29 16.31 -5.22
CA ALA A 27 16.87 17.49 -4.43
C ALA A 27 15.37 17.74 -4.67
N TYR A 28 14.88 17.54 -5.90
CA TYR A 28 13.44 17.73 -6.23
C TYR A 28 12.62 16.65 -5.52
N PHE A 29 13.17 15.45 -5.37
CA PHE A 29 12.47 14.29 -4.78
C PHE A 29 12.50 14.43 -3.25
N GLY A 30 13.66 14.76 -2.70
CA GLY A 30 13.81 14.88 -1.24
C GLY A 30 14.11 13.56 -0.57
N ASP A 31 13.79 13.45 0.71
CA ASP A 31 14.05 12.25 1.56
C ASP A 31 12.70 11.83 2.12
N VAL A 32 12.23 10.63 1.75
CA VAL A 32 10.89 10.15 2.20
C VAL A 32 10.95 9.77 3.70
N ASN A 33 12.13 9.68 4.31
CA ASN A 33 12.27 9.39 5.76
C ASN A 33 11.69 8.01 6.07
N HIS A 34 12.05 7.00 5.30
CA HIS A 34 11.64 5.59 5.55
C HIS A 34 12.66 4.98 6.51
N ARG A 35 12.39 5.09 7.80
CA ARG A 35 13.31 4.72 8.90
C ARG A 35 12.42 4.27 10.05
N PRO A 36 12.99 3.50 11.02
CA PRO A 36 12.23 3.11 12.21
C PRO A 36 11.49 4.28 12.85
N GLY A 37 10.19 4.07 13.10
CA GLY A 37 9.32 5.03 13.80
C GLY A 37 8.65 6.03 12.85
N GLU A 38 9.03 6.04 11.57
CA GLU A 38 8.61 7.08 10.60
C GLU A 38 7.97 6.45 9.36
N VAL A 39 7.75 5.15 9.33
CA VAL A 39 7.19 4.50 8.11
C VAL A 39 5.67 4.68 8.12
N VAL A 40 5.20 5.42 7.13
CA VAL A 40 3.75 5.76 6.98
C VAL A 40 3.29 5.13 5.66
N ASP A 41 2.57 4.01 5.79
CA ASP A 41 2.03 3.25 4.63
C ASP A 41 1.23 4.24 3.77
N GLY A 42 1.54 4.30 2.47
CA GLY A 42 0.84 5.15 1.51
C GLY A 42 1.47 6.53 1.40
N THR A 43 2.46 6.83 2.24
CA THR A 43 3.24 8.09 2.17
C THR A 43 4.71 7.79 1.81
N ASN A 44 5.36 6.86 2.51
CA ASN A 44 6.80 6.66 2.25
C ASN A 44 7.16 5.17 2.23
N THR A 45 6.24 4.33 1.78
CA THR A 45 6.51 2.89 1.57
C THR A 45 6.84 2.61 0.11
N GLY A 46 6.29 3.38 -0.82
CA GLY A 46 6.30 2.97 -2.24
C GLY A 46 5.64 1.61 -2.38
N GLY A 47 6.02 0.84 -3.38
CA GLY A 47 5.45 -0.50 -3.56
C GLY A 47 6.12 -1.29 -4.65
N PHE A 48 5.85 -2.60 -4.65
CA PHE A 48 6.41 -3.56 -5.60
C PHE A 48 5.33 -3.98 -6.61
N ASN A 49 5.81 -4.42 -7.76
CA ASN A 49 4.95 -5.03 -8.80
C ASN A 49 5.59 -6.38 -9.14
N PRO A 50 4.95 -7.54 -8.86
CA PRO A 50 3.59 -7.60 -8.33
C PRO A 50 3.40 -7.36 -6.82
N GLY A 51 4.49 -7.49 -6.05
CA GLY A 51 4.42 -7.36 -4.59
C GLY A 51 3.90 -8.64 -3.97
N PRO A 52 3.59 -8.65 -2.67
CA PRO A 52 3.66 -7.45 -1.85
C PRO A 52 5.07 -7.05 -1.40
N PHE A 53 6.00 -8.00 -1.36
CA PHE A 53 7.37 -7.76 -0.82
C PHE A 53 8.45 -8.06 -1.86
N ASP A 54 8.05 -8.41 -3.07
CA ASP A 54 8.96 -8.86 -4.14
C ASP A 54 8.38 -8.44 -5.47
N GLY A 55 9.21 -8.22 -6.46
CA GLY A 55 8.66 -7.91 -7.79
C GLY A 55 9.72 -7.63 -8.83
N THR A 56 9.28 -7.48 -10.06
CA THR A 56 10.12 -7.03 -11.18
C THR A 56 10.26 -5.51 -11.12
N GLN A 57 9.46 -4.83 -10.30
CA GLN A 57 9.66 -3.37 -10.11
C GLN A 57 9.47 -3.01 -8.64
N TYR A 58 10.22 -1.98 -8.23
CA TYR A 58 9.94 -1.16 -7.04
C TYR A 58 9.81 0.28 -7.51
N ALA A 59 8.83 1.00 -6.99
CA ALA A 59 8.54 2.38 -7.41
C ALA A 59 8.08 3.20 -6.20
N ILE A 60 8.39 4.49 -6.24
CA ILE A 60 8.00 5.39 -5.13
C ILE A 60 7.98 6.81 -5.67
N LYS A 61 7.05 7.60 -5.13
N LYS A 61 7.09 7.63 -5.12
CA LYS A 61 6.89 9.06 -5.34
CA LYS A 61 7.01 9.08 -5.44
C LYS A 61 7.50 9.82 -4.17
C LYS A 61 7.32 9.88 -4.18
N SER A 62 7.81 11.10 -4.40
CA SER A 62 8.16 12.06 -3.32
C SER A 62 7.00 12.19 -2.34
N THR A 63 7.29 12.51 -1.09
CA THR A 63 6.23 12.84 -0.10
C THR A 63 5.69 14.26 -0.35
N ALA A 64 6.33 15.07 -1.19
CA ALA A 64 5.98 16.50 -1.34
C ALA A 64 5.92 16.92 -2.82
N SER A 65 6.94 16.61 -3.62
CA SER A 65 6.97 17.03 -5.03
C SER A 65 6.26 15.96 -5.88
N ASP A 66 6.27 16.14 -7.20
CA ASP A 66 5.75 15.14 -8.17
C ASP A 66 6.87 14.17 -8.61
N ALA A 67 8.11 14.34 -8.16
CA ALA A 67 9.25 13.49 -8.58
C ALA A 67 8.98 12.05 -8.14
N ALA A 68 9.41 11.10 -8.97
CA ALA A 68 9.25 9.65 -8.74
C ALA A 68 10.35 8.89 -9.47
N PHE A 69 10.55 7.63 -9.08
CA PHE A 69 11.43 6.71 -9.84
C PHE A 69 10.82 5.32 -9.86
N VAL A 70 11.27 4.55 -10.83
CA VAL A 70 10.95 3.11 -11.01
C VAL A 70 12.25 2.36 -11.20
N ALA A 71 12.50 1.35 -10.36
CA ALA A 71 13.60 0.39 -10.52
C ALA A 71 13.01 -0.89 -11.10
N ASP A 72 13.54 -1.35 -12.23
CA ASP A 72 13.14 -2.62 -12.88
C ASP A 72 14.26 -3.64 -12.65
N GLY A 73 13.89 -4.87 -12.32
CA GLY A 73 14.84 -5.98 -12.23
C GLY A 73 14.15 -7.15 -11.59
N ASN A 74 14.71 -7.65 -10.51
CA ASN A 74 14.06 -8.70 -9.69
C ASN A 74 14.44 -8.40 -8.23
N LEU A 75 13.48 -7.87 -7.47
CA LEU A 75 13.76 -7.25 -6.16
C LEU A 75 12.99 -7.95 -5.04
N HIS A 76 13.65 -8.03 -3.89
CA HIS A 76 13.20 -8.79 -2.72
C HIS A 76 13.50 -7.99 -1.46
N TYR A 77 12.48 -7.80 -0.63
CA TYR A 77 12.62 -7.10 0.66
C TYR A 77 12.57 -8.11 1.78
N THR A 78 13.59 -8.12 2.65
CA THR A 78 13.69 -9.17 3.70
C THR A 78 12.71 -8.90 4.83
N LEU A 79 12.25 -7.66 4.99
CA LEU A 79 11.39 -7.24 6.13
C LEU A 79 12.07 -7.67 7.45
N PHE A 80 11.52 -8.64 8.20
CA PHE A 80 12.06 -9.01 9.54
C PHE A 80 13.07 -10.16 9.44
N SER A 81 13.27 -10.72 8.25
CA SER A 81 14.22 -11.84 8.01
C SER A 81 15.65 -11.30 8.00
N ASN A 82 16.58 -11.93 8.72
CA ASN A 82 18.00 -11.48 8.76
C ASN A 82 18.61 -11.57 7.37
N PRO A 83 19.37 -10.55 6.89
CA PRO A 83 19.52 -9.24 7.52
C PRO A 83 18.25 -8.40 7.30
N SER A 84 17.65 -7.91 8.37
CA SER A 84 16.34 -7.21 8.32
C SER A 84 16.43 -5.97 7.43
N HIS A 85 15.28 -5.62 6.83
CA HIS A 85 15.04 -4.37 6.07
C HIS A 85 16.14 -4.20 5.01
N THR A 86 16.37 -5.27 4.24
CA THR A 86 17.33 -5.27 3.11
C THR A 86 16.58 -5.46 1.80
N LEU A 87 16.85 -4.60 0.83
CA LEU A 87 16.38 -4.78 -0.55
C LEU A 87 17.54 -5.39 -1.34
N TRP A 88 17.33 -6.56 -1.93
CA TRP A 88 18.40 -7.24 -2.71
C TRP A 88 17.79 -7.85 -3.97
N GLY A 89 18.66 -8.40 -4.80
CA GLY A 89 18.31 -9.01 -6.09
C GLY A 89 19.07 -8.35 -7.22
N SER A 90 18.37 -7.94 -8.27
CA SER A 90 19.00 -7.30 -9.46
C SER A 90 18.24 -6.03 -9.81
N VAL A 91 18.98 -5.02 -10.21
CA VAL A 91 18.39 -3.82 -10.88
C VAL A 91 19.00 -3.72 -12.28
N ASP A 92 18.15 -3.79 -13.29
CA ASP A 92 18.60 -3.63 -14.70
C ASP A 92 18.38 -2.20 -15.14
N THR A 93 17.30 -1.55 -14.69
CA THR A 93 16.89 -0.23 -15.21
C THR A 93 16.45 0.67 -14.05
N ILE A 94 16.89 1.93 -14.07
CA ILE A 94 16.31 2.98 -13.20
C ILE A 94 15.80 4.09 -14.10
N SER A 95 14.53 4.44 -13.92
CA SER A 95 13.89 5.53 -14.67
C SER A 95 13.52 6.62 -13.67
N LEU A 96 13.90 7.86 -13.98
N LEU A 96 13.91 7.86 -13.98
CA LEU A 96 13.67 9.05 -13.13
CA LEU A 96 13.67 9.05 -13.11
C LEU A 96 12.75 10.02 -13.87
C LEU A 96 12.81 10.07 -13.85
N GLY A 97 11.95 10.75 -13.11
CA GLY A 97 11.08 11.78 -13.67
C GLY A 97 10.02 12.17 -12.69
N ASP A 98 8.80 12.37 -13.17
CA ASP A 98 7.68 12.74 -12.29
C ASP A 98 6.40 12.04 -12.74
N THR A 99 5.43 12.04 -11.84
CA THR A 99 4.03 11.61 -12.06
C THR A 99 3.99 10.09 -12.22
N LEU A 100 4.18 9.37 -11.12
CA LEU A 100 4.13 7.89 -11.09
C LEU A 100 2.70 7.44 -11.41
N ALA A 101 2.57 6.40 -12.23
CA ALA A 101 1.29 5.76 -12.61
C ALA A 101 1.44 4.23 -12.57
N GLY A 102 0.31 3.53 -12.59
CA GLY A 102 0.29 2.05 -12.66
C GLY A 102 0.72 1.38 -11.36
N GLY A 103 1.13 0.10 -11.47
CA GLY A 103 1.81 -0.64 -10.39
C GLY A 103 0.94 -1.68 -9.69
N SER A 104 -0.38 -1.69 -9.89
CA SER A 104 -1.29 -2.63 -9.18
C SER A 104 -2.15 -3.37 -10.21
N GLY A 105 -1.61 -4.45 -10.75
CA GLY A 105 -2.22 -5.19 -11.88
C GLY A 105 -1.65 -4.73 -13.21
N SER A 106 -0.83 -3.68 -13.22
CA SER A 106 -0.12 -3.23 -14.43
C SER A 106 1.24 -2.68 -14.01
N ASN A 107 2.14 -2.49 -14.96
CA ASN A 107 3.50 -2.04 -14.60
C ASN A 107 3.43 -0.60 -14.10
N TYR A 108 4.32 -0.27 -13.17
CA TYR A 108 4.61 1.14 -12.81
C TYR A 108 5.23 1.83 -14.02
N ASN A 109 4.82 3.07 -14.26
CA ASN A 109 5.43 3.90 -15.34
C ASN A 109 5.41 5.36 -14.88
N LEU A 110 6.33 6.14 -15.41
CA LEU A 110 6.35 7.60 -15.22
C LEU A 110 5.65 8.27 -16.40
N VAL A 111 4.64 9.07 -16.10
CA VAL A 111 3.90 9.83 -17.15
C VAL A 111 4.86 10.83 -17.80
N SER A 112 5.79 11.41 -17.02
CA SER A 112 6.93 12.21 -17.54
C SER A 112 8.24 11.51 -17.19
N GLN A 113 8.67 10.62 -18.08
CA GLN A 113 10.00 9.96 -17.98
C GLN A 113 11.02 10.97 -18.53
N GLU A 114 11.99 11.35 -17.69
CA GLU A 114 13.03 12.34 -18.04
C GLU A 114 14.28 11.60 -18.50
N VAL A 115 14.75 10.65 -17.69
CA VAL A 115 16.01 9.90 -17.92
C VAL A 115 15.78 8.46 -17.49
N SER A 116 16.32 7.53 -18.26
CA SER A 116 16.31 6.09 -17.93
C SER A 116 17.68 5.53 -18.27
N PHE A 117 18.23 4.77 -17.32
CA PHE A 117 19.51 4.06 -17.40
C PHE A 117 19.19 2.57 -17.39
N THR A 118 19.58 1.85 -18.44
CA THR A 118 19.33 0.40 -18.54
C THR A 118 20.67 -0.33 -18.75
N ASN A 119 20.62 -1.66 -18.63
CA ASN A 119 21.81 -2.55 -18.61
C ASN A 119 22.71 -2.15 -17.45
N LEU A 120 22.14 -1.84 -16.29
CA LEU A 120 22.91 -1.41 -15.10
C LEU A 120 23.69 -2.57 -14.50
N GLY A 121 23.20 -3.81 -14.62
CA GLY A 121 23.88 -5.00 -14.10
C GLY A 121 24.07 -4.95 -12.59
N LEU A 122 23.23 -4.21 -11.86
CA LEU A 122 23.34 -4.16 -10.37
C LEU A 122 22.79 -5.48 -9.83
N ASN A 123 23.53 -6.08 -8.92
CA ASN A 123 23.24 -7.43 -8.38
C ASN A 123 23.80 -7.50 -6.97
N SER A 124 23.00 -7.92 -6.00
CA SER A 124 23.51 -8.18 -4.63
C SER A 124 22.68 -9.27 -3.97
N LEU A 125 23.35 -10.09 -3.17
CA LEU A 125 22.74 -11.22 -2.43
C LEU A 125 22.16 -10.70 -1.11
N LYS A 126 21.17 -11.42 -0.59
CA LYS A 126 20.49 -11.11 0.69
C LYS A 126 21.54 -10.97 1.78
N GLU A 127 22.53 -11.86 1.81
CA GLU A 127 23.48 -11.98 2.94
C GLU A 127 24.35 -10.70 3.02
N GLU A 128 24.43 -9.89 1.95
CA GLU A 128 25.18 -8.60 1.96
C GLU A 128 24.44 -7.56 2.80
N GLY A 129 23.16 -7.75 3.06
CA GLY A 129 22.40 -6.83 3.91
C GLY A 129 22.34 -5.44 3.29
N ARG A 130 22.27 -4.39 4.11
CA ARG A 130 22.02 -3.01 3.63
C ARG A 130 23.28 -2.41 2.95
N ALA A 131 24.39 -3.14 2.96
CA ALA A 131 25.65 -2.72 2.31
C ALA A 131 25.69 -3.20 0.86
N GLY A 132 24.72 -4.02 0.42
CA GLY A 132 24.67 -4.48 -0.98
C GLY A 132 24.42 -3.34 -1.95
N GLU A 133 24.97 -3.42 -3.17
CA GLU A 133 24.90 -2.31 -4.16
C GLU A 133 23.45 -2.02 -4.56
N VAL A 134 22.58 -3.02 -4.64
CA VAL A 134 21.13 -2.75 -4.96
C VAL A 134 20.52 -1.87 -3.85
N HIS A 135 20.65 -2.30 -2.61
CA HIS A 135 20.10 -1.55 -1.45
C HIS A 135 20.67 -0.13 -1.44
N LYS A 136 21.98 0.01 -1.51
CA LYS A 136 22.62 1.35 -1.46
C LYS A 136 22.07 2.22 -2.59
N VAL A 137 22.04 1.72 -3.82
CA VAL A 137 21.63 2.56 -4.98
C VAL A 137 20.18 3.01 -4.80
N VAL A 138 19.28 2.07 -4.55
CA VAL A 138 17.82 2.37 -4.54
C VAL A 138 17.47 3.16 -3.28
N TYR A 139 18.04 2.84 -2.12
CA TYR A 139 17.72 3.59 -0.88
C TYR A 139 18.25 5.02 -1.01
N GLY A 140 19.40 5.21 -1.64
CA GLY A 140 19.91 6.57 -1.85
C GLY A 140 18.93 7.43 -2.61
N LEU A 141 18.27 6.86 -3.62
CA LEU A 141 17.33 7.64 -4.49
C LEU A 141 16.10 8.10 -3.73
N MET A 142 15.66 7.35 -2.72
CA MET A 142 14.46 7.79 -1.97
C MET A 142 14.88 8.52 -0.68
N SER A 143 16.18 8.69 -0.40
CA SER A 143 16.66 9.30 0.88
C SER A 143 17.51 10.55 0.63
N GLY A 144 17.52 11.07 -0.61
CA GLY A 144 18.15 12.37 -0.91
C GLY A 144 19.64 12.23 -1.16
N ASP A 145 20.07 11.08 -1.65
CA ASP A 145 21.50 10.84 -1.95
C ASP A 145 21.61 9.96 -3.19
N SER A 146 21.90 10.57 -4.34
CA SER A 146 22.02 9.87 -5.63
C SER A 146 23.48 9.44 -5.86
N SER A 147 24.36 9.58 -4.87
CA SER A 147 25.81 9.35 -5.06
C SER A 147 26.09 7.87 -5.35
N ALA A 148 25.38 6.91 -4.73
CA ALA A 148 25.64 5.48 -5.02
C ALA A 148 25.31 5.21 -6.49
N LEU A 149 24.16 5.68 -6.98
CA LEU A 149 23.81 5.48 -8.40
C LEU A 149 24.83 6.21 -9.28
N ALA A 150 25.23 7.45 -8.95
CA ALA A 150 26.17 8.20 -9.81
C ALA A 150 27.48 7.41 -9.92
N GLY A 151 27.93 6.83 -8.81
CA GLY A 151 29.20 6.09 -8.76
C GLY A 151 29.13 4.86 -9.65
N GLU A 152 28.00 4.16 -9.63
CA GLU A 152 27.82 2.92 -10.42
C GLU A 152 27.77 3.27 -11.91
N ILE A 153 27.07 4.34 -12.26
CA ILE A 153 26.98 4.81 -13.68
C ILE A 153 28.37 5.23 -14.15
N ASP A 154 29.13 5.92 -13.31
CA ASP A 154 30.49 6.41 -13.66
C ASP A 154 31.35 5.19 -14.06
N ALA A 155 31.31 4.11 -13.28
CA ALA A 155 32.09 2.88 -13.54
C ALA A 155 31.65 2.22 -14.85
N LEU A 156 30.34 2.15 -15.11
CA LEU A 156 29.74 1.56 -16.33
C LEU A 156 30.13 2.37 -17.58
N LEU A 157 30.19 3.70 -17.47
CA LEU A 157 30.57 4.58 -18.61
C LEU A 157 32.06 4.40 -18.92
N LYS A 158 32.92 4.40 -17.89
CA LYS A 158 34.39 4.22 -18.03
C LYS A 158 34.71 2.83 -18.61
N ALA A 159 33.83 1.84 -18.41
CA ALA A 159 34.01 0.46 -18.93
C ALA A 159 33.77 0.47 -20.44
N ILE A 160 32.98 1.43 -20.95
CA ILE A 160 32.79 1.64 -22.42
C ILE A 160 34.02 2.37 -22.97
N ASP A 161 34.40 3.49 -22.35
CA ASP A 161 35.63 4.26 -22.72
C ASP A 161 36.05 5.14 -21.55
N PRO A 162 37.36 5.19 -21.17
CA PRO A 162 37.81 6.01 -20.05
C PRO A 162 37.59 7.53 -20.22
N SER A 163 37.28 8.00 -21.44
CA SER A 163 36.92 9.41 -21.72
C SER A 163 35.50 9.74 -21.25
N LEU A 164 34.64 8.74 -21.05
CA LEU A 164 33.23 8.92 -20.60
C LEU A 164 33.20 8.91 -19.06
N SER A 165 32.35 9.73 -18.49
CA SER A 165 32.11 9.82 -17.02
C SER A 165 30.72 10.34 -16.74
N VAL A 166 30.33 10.38 -15.46
CA VAL A 166 29.04 11.02 -15.07
C VAL A 166 29.13 12.53 -15.24
N ASN A 167 30.32 13.08 -15.53
CA ASN A 167 30.49 14.52 -15.83
C ASN A 167 30.34 14.77 -17.34
N SER A 168 30.18 13.73 -18.16
CA SER A 168 29.75 13.84 -19.57
C SER A 168 28.31 14.35 -19.63
N THR A 169 27.97 15.18 -20.61
CA THR A 169 26.58 15.62 -20.88
C THR A 169 25.85 14.47 -21.58
N PHE A 170 24.53 14.48 -21.53
CA PHE A 170 23.70 13.48 -22.25
C PHE A 170 23.98 13.57 -23.74
N ASP A 171 24.11 14.79 -24.28
CA ASP A 171 24.44 15.01 -25.71
C ASP A 171 25.81 14.39 -26.01
N ASP A 172 26.80 14.50 -25.11
CA ASP A 172 28.14 13.87 -25.32
C ASP A 172 27.95 12.35 -25.46
N LEU A 173 27.21 11.75 -24.52
CA LEU A 173 26.99 10.28 -24.48
C LEU A 173 26.18 9.86 -25.71
N ALA A 174 25.35 10.75 -26.25
CA ALA A 174 24.57 10.52 -27.49
C ALA A 174 25.53 10.41 -28.69
N ALA A 175 26.53 11.28 -28.75
CA ALA A 175 27.57 11.30 -29.79
C ALA A 175 28.43 10.03 -29.69
N ALA A 176 28.64 9.50 -28.47
CA ALA A 176 29.47 8.29 -28.22
C ALA A 176 28.67 7.00 -28.48
N GLY A 177 27.36 7.10 -28.75
CA GLY A 177 26.49 5.96 -29.06
C GLY A 177 25.90 5.31 -27.82
N VAL A 178 26.06 5.91 -26.65
CA VAL A 178 25.63 5.34 -25.33
C VAL A 178 24.22 5.84 -25.00
N ALA A 179 23.93 7.10 -25.32
CA ALA A 179 22.65 7.76 -24.97
C ALA A 179 21.87 8.09 -26.24
N HIS A 180 20.56 8.25 -26.08
CA HIS A 180 19.59 8.48 -27.18
C HIS A 180 18.46 9.34 -26.62
N VAL A 181 17.97 10.30 -27.41
CA VAL A 181 16.87 11.22 -27.02
C VAL A 181 15.54 10.46 -27.00
N ASN A 182 14.70 10.80 -26.01
CA ASN A 182 13.42 10.16 -25.61
C ASN A 182 13.70 8.99 -24.68
N SER B 4 -23.73 -0.48 25.61
N SER B 4 -23.40 -0.98 25.60
CA SER B 4 -24.30 -1.52 24.70
CA SER B 4 -24.45 -1.53 24.69
C SER B 4 -24.23 -1.06 23.23
C SER B 4 -24.20 -1.08 23.26
N ILE B 5 -24.43 -1.98 22.29
CA ILE B 5 -24.30 -1.67 20.84
C ILE B 5 -25.14 -0.42 20.53
N SER B 6 -24.57 0.48 19.75
CA SER B 6 -25.23 1.69 19.24
C SER B 6 -25.06 1.72 17.72
N ILE B 7 -26.12 2.08 17.00
CA ILE B 7 -26.16 2.00 15.51
C ILE B 7 -26.56 3.36 14.93
N SER B 8 -25.84 3.84 13.92
CA SER B 8 -26.24 5.02 13.13
C SER B 8 -26.55 4.54 11.70
N TYR B 9 -27.52 5.15 11.04
CA TYR B 9 -27.94 4.69 9.69
C TYR B 9 -28.52 5.87 8.91
N SER B 10 -28.19 5.92 7.62
N SER B 10 -28.19 5.92 7.61
CA SER B 10 -28.85 6.81 6.63
CA SER B 10 -28.85 6.80 6.62
C SER B 10 -30.36 6.49 6.63
C SER B 10 -30.35 6.49 6.62
N ALA B 11 -31.21 7.51 6.57
CA ALA B 11 -32.67 7.37 6.72
C ALA B 11 -33.24 6.42 5.66
N THR B 12 -32.64 6.33 4.47
CA THR B 12 -33.13 5.48 3.35
C THR B 12 -33.13 4.00 3.72
N TYR B 13 -32.35 3.59 4.73
CA TYR B 13 -32.26 2.18 5.20
C TYR B 13 -33.23 1.92 6.36
N GLY B 14 -34.02 2.91 6.78
CA GLY B 14 -34.95 2.82 7.92
C GLY B 14 -35.79 1.55 7.88
N GLY B 15 -36.26 1.16 6.70
CA GLY B 15 -37.21 0.05 6.50
C GLY B 15 -36.51 -1.26 6.23
N ASN B 16 -35.18 -1.25 6.09
CA ASN B 16 -34.38 -2.47 5.85
C ASN B 16 -34.04 -3.11 7.20
N THR B 17 -33.97 -4.43 7.26
CA THR B 17 -33.43 -5.14 8.45
C THR B 17 -31.90 -5.01 8.44
N VAL B 18 -31.29 -5.25 9.59
CA VAL B 18 -29.81 -5.18 9.72
C VAL B 18 -29.22 -6.28 8.83
N ALA B 19 -29.77 -7.50 8.88
CA ALA B 19 -29.29 -8.64 8.08
C ALA B 19 -29.41 -8.28 6.58
N GLN B 20 -30.53 -7.70 6.19
CA GLN B 20 -30.80 -7.30 4.79
C GLN B 20 -29.70 -6.33 4.32
N TYR B 21 -29.44 -5.30 5.11
CA TYR B 21 -28.42 -4.28 4.74
C TYR B 21 -27.06 -4.96 4.60
N LEU B 22 -26.65 -5.77 5.59
CA LEU B 22 -25.30 -6.40 5.58
C LEU B 22 -25.21 -7.34 4.39
N THR B 23 -26.27 -8.08 4.08
CA THR B 23 -26.24 -9.02 2.92
C THR B 23 -26.08 -8.21 1.63
N ASP B 24 -26.86 -7.14 1.47
CA ASP B 24 -26.83 -6.32 0.24
C ASP B 24 -25.46 -5.65 0.13
N TRP B 25 -24.94 -5.11 1.23
CA TRP B 25 -23.66 -4.38 1.20
C TRP B 25 -22.56 -5.33 0.74
N SER B 26 -22.54 -6.54 1.30
N SER B 26 -22.54 -6.55 1.30
CA SER B 26 -21.52 -7.58 1.00
CA SER B 26 -21.52 -7.59 1.01
C SER B 26 -21.59 -7.95 -0.49
C SER B 26 -21.59 -8.02 -0.46
N ALA B 27 -22.79 -8.07 -1.05
CA ALA B 27 -22.98 -8.36 -2.48
C ALA B 27 -22.39 -7.20 -3.31
N TYR B 28 -22.64 -5.95 -2.92
CA TYR B 28 -22.10 -4.78 -3.67
C TYR B 28 -20.58 -4.76 -3.59
N PHE B 29 -20.02 -5.17 -2.46
CA PHE B 29 -18.57 -5.11 -2.20
C PHE B 29 -17.87 -6.26 -2.93
N GLY B 30 -18.43 -7.46 -2.81
CA GLY B 30 -17.88 -8.70 -3.40
C GLY B 30 -16.82 -9.34 -2.52
N ASP B 31 -15.91 -10.07 -3.15
CA ASP B 31 -14.83 -10.83 -2.50
C ASP B 31 -13.52 -10.31 -3.10
N VAL B 32 -12.68 -9.70 -2.29
CA VAL B 32 -11.40 -9.13 -2.81
C VAL B 32 -10.38 -10.26 -3.10
N ASN B 33 -10.68 -11.51 -2.74
CA ASN B 33 -9.77 -12.66 -3.05
C ASN B 33 -8.39 -12.43 -2.44
N HIS B 34 -8.32 -12.02 -1.17
CA HIS B 34 -7.03 -11.90 -0.45
C HIS B 34 -6.68 -13.29 0.10
N ARG B 35 -5.92 -14.07 -0.66
CA ARG B 35 -5.60 -15.48 -0.37
C ARG B 35 -4.21 -15.76 -0.95
N PRO B 36 -3.54 -16.84 -0.51
CA PRO B 36 -2.22 -17.17 -1.06
C PRO B 36 -2.21 -17.17 -2.58
N GLY B 37 -1.22 -16.48 -3.16
CA GLY B 37 -0.97 -16.37 -4.61
C GLY B 37 -1.89 -15.38 -5.32
N GLU B 38 -2.76 -14.68 -4.59
CA GLU B 38 -3.74 -13.72 -5.19
C GLU B 38 -3.64 -12.34 -4.53
N VAL B 39 -2.66 -12.10 -3.66
CA VAL B 39 -2.59 -10.78 -2.95
C VAL B 39 -1.87 -9.80 -3.85
N VAL B 40 -2.59 -8.76 -4.27
CA VAL B 40 -2.13 -7.72 -5.22
C VAL B 40 -2.15 -6.39 -4.48
N ASP B 41 -0.97 -5.96 -4.05
CA ASP B 41 -0.83 -4.74 -3.23
C ASP B 41 -1.45 -3.58 -4.01
N GLY B 42 -2.33 -2.81 -3.36
CA GLY B 42 -3.00 -1.66 -4.01
C GLY B 42 -4.32 -2.09 -4.63
N THR B 43 -4.63 -3.39 -4.65
CA THR B 43 -5.89 -3.93 -5.21
C THR B 43 -6.70 -4.62 -4.09
N ASN B 44 -6.11 -5.53 -3.33
CA ASN B 44 -6.87 -6.29 -2.31
C ASN B 44 -6.08 -6.44 -1.02
N THR B 45 -5.21 -5.47 -0.69
CA THR B 45 -4.50 -5.49 0.61
C THR B 45 -5.22 -4.64 1.65
N GLY B 46 -5.89 -3.57 1.23
CA GLY B 46 -6.40 -2.57 2.19
C GLY B 46 -5.24 -1.91 2.90
N GLY B 47 -5.48 -1.37 4.07
CA GLY B 47 -4.41 -0.68 4.79
C GLY B 47 -4.78 -0.39 6.22
N PHE B 48 -3.73 -0.21 7.04
CA PHE B 48 -3.87 0.15 8.46
C PHE B 48 -3.54 1.62 8.63
N ASN B 49 -4.15 2.20 9.66
CA ASN B 49 -3.79 3.54 10.16
C ASN B 49 -3.41 3.42 11.64
N PRO B 50 -2.16 3.73 12.05
CA PRO B 50 -1.10 4.23 11.17
C PRO B 50 -0.39 3.18 10.29
N GLY B 51 -0.51 1.89 10.62
CA GLY B 51 0.21 0.83 9.89
C GLY B 51 1.68 0.83 10.25
N PRO B 52 2.53 0.09 9.52
CA PRO B 52 2.10 -0.67 8.34
C PRO B 52 1.31 -1.97 8.56
N PHE B 53 1.47 -2.60 9.72
CA PHE B 53 0.85 -3.92 10.02
C PHE B 53 -0.07 -3.84 11.24
N ASP B 54 -0.25 -2.65 11.80
CA ASP B 54 -0.98 -2.47 13.09
C ASP B 54 -1.63 -1.10 13.05
N GLY B 55 -2.75 -0.94 13.74
CA GLY B 55 -3.32 0.40 13.86
C GLY B 55 -4.64 0.43 14.57
N THR B 56 -5.13 1.62 14.81
CA THR B 56 -6.47 1.85 15.37
C THR B 56 -7.52 1.71 14.28
N GLN B 57 -7.13 1.64 12.99
CA GLN B 57 -8.08 1.34 11.90
C GLN B 57 -7.47 0.36 10.90
N TYR B 58 -8.34 -0.45 10.31
CA TYR B 58 -8.10 -1.18 9.05
C TYR B 58 -9.24 -0.81 8.13
N ALA B 59 -8.94 -0.54 6.89
CA ALA B 59 -9.98 -0.17 5.91
C ALA B 59 -9.62 -0.75 4.54
N ILE B 60 -10.65 -1.01 3.75
CA ILE B 60 -10.47 -1.60 2.41
C ILE B 60 -11.70 -1.26 1.57
N LYS B 61 -11.48 -1.02 0.30
CA LYS B 61 -12.56 -0.81 -0.68
C LYS B 61 -12.61 -1.99 -1.65
N SER B 62 -13.77 -2.14 -2.28
CA SER B 62 -14.04 -3.15 -3.31
C SER B 62 -12.97 -3.13 -4.40
N THR B 63 -12.70 -4.28 -5.00
CA THR B 63 -11.83 -4.34 -6.19
C THR B 63 -12.57 -3.78 -7.41
N ALA B 64 -13.90 -3.64 -7.37
CA ALA B 64 -14.67 -3.32 -8.60
C ALA B 64 -15.72 -2.23 -8.34
N SER B 65 -16.50 -2.33 -7.26
CA SER B 65 -17.54 -1.32 -6.93
C SER B 65 -16.91 -0.20 -6.11
N ASP B 66 -17.71 0.75 -5.66
CA ASP B 66 -17.24 1.85 -4.77
C ASP B 66 -17.45 1.49 -3.30
N ALA B 67 -18.00 0.32 -2.97
CA ALA B 67 -18.27 -0.11 -1.59
C ALA B 67 -16.98 -0.20 -0.79
N ALA B 68 -17.04 0.13 0.49
CA ALA B 68 -15.88 0.08 1.37
C ALA B 68 -16.33 0.00 2.81
N PHE B 69 -15.39 -0.34 3.69
CA PHE B 69 -15.68 -0.33 5.13
C PHE B 69 -14.44 0.07 5.89
N VAL B 70 -14.64 0.48 7.12
CA VAL B 70 -13.59 0.91 8.07
C VAL B 70 -13.87 0.19 9.39
N ALA B 71 -12.86 -0.49 9.93
CA ALA B 71 -12.91 -1.11 11.28
C ALA B 71 -12.06 -0.25 12.22
N ASP B 72 -12.66 0.22 13.32
CA ASP B 72 -11.94 1.01 14.33
C ASP B 72 -11.76 0.17 15.59
N GLY B 73 -10.57 0.16 16.14
CA GLY B 73 -10.26 -0.39 17.47
C GLY B 73 -8.78 -0.38 17.67
N ASN B 74 -8.20 -1.55 17.81
CA ASN B 74 -6.74 -1.72 17.91
C ASN B 74 -6.42 -3.07 17.29
N LEU B 75 -5.83 -3.05 16.10
CA LEU B 75 -5.72 -4.23 15.22
C LEU B 75 -4.26 -4.50 14.88
N HIS B 76 -3.95 -5.78 14.79
CA HIS B 76 -2.59 -6.29 14.57
C HIS B 76 -2.65 -7.45 13.60
N TYR B 77 -1.78 -7.42 12.59
CA TYR B 77 -1.66 -8.49 11.59
C TYR B 77 -0.37 -9.26 11.84
N THR B 78 -0.48 -10.56 12.05
CA THR B 78 0.70 -11.39 12.42
C THR B 78 1.63 -11.60 11.21
N LEU B 79 1.13 -11.44 9.98
CA LEU B 79 1.89 -11.70 8.73
C LEU B 79 2.51 -13.11 8.81
N PHE B 80 3.83 -13.26 9.00
CA PHE B 80 4.44 -14.62 8.99
C PHE B 80 4.63 -15.17 10.40
N SER B 81 4.40 -14.35 11.44
CA SER B 81 4.49 -14.78 12.86
C SER B 81 3.36 -15.77 13.14
N ASN B 82 3.66 -16.88 13.84
CA ASN B 82 2.65 -17.95 14.17
C ASN B 82 1.65 -17.38 15.18
N PRO B 83 0.32 -17.51 15.00
CA PRO B 83 -0.33 -18.12 13.85
C PRO B 83 -0.36 -17.13 12.68
N SER B 84 0.12 -17.58 11.52
N SER B 84 0.12 -17.58 11.52
CA SER B 84 0.37 -16.70 10.35
CA SER B 84 0.39 -16.71 10.33
C SER B 84 -0.95 -16.11 9.84
C SER B 84 -0.92 -16.14 9.78
N HIS B 85 -0.85 -14.91 9.25
CA HIS B 85 -1.95 -14.23 8.53
C HIS B 85 -3.20 -14.18 9.42
N THR B 86 -3.01 -13.75 10.65
CA THR B 86 -4.08 -13.54 11.65
C THR B 86 -4.24 -12.05 11.92
N LEU B 87 -5.45 -11.54 11.79
CA LEU B 87 -5.82 -10.18 12.29
C LEU B 87 -6.47 -10.34 13.66
N TRP B 88 -5.87 -9.75 14.69
CA TRP B 88 -6.40 -9.86 16.09
C TRP B 88 -6.33 -8.48 16.76
N GLY B 89 -6.88 -8.42 17.96
CA GLY B 89 -6.91 -7.22 18.80
C GLY B 89 -8.34 -6.92 19.18
N SER B 90 -8.78 -5.69 18.99
CA SER B 90 -10.17 -5.29 19.31
C SER B 90 -10.78 -4.56 18.12
N VAL B 91 -12.08 -4.73 17.95
CA VAL B 91 -12.88 -3.89 17.04
C VAL B 91 -14.02 -3.29 17.86
N ASP B 92 -14.07 -1.96 17.93
CA ASP B 92 -15.16 -1.23 18.63
C ASP B 92 -16.25 -0.81 17.65
N THR B 93 -15.87 -0.51 16.42
CA THR B 93 -16.76 0.11 15.43
C THR B 93 -16.49 -0.48 14.05
N ILE B 94 -17.56 -0.78 13.32
CA ILE B 94 -17.52 -1.09 11.87
C ILE B 94 -18.47 -0.14 11.17
N SER B 95 -17.95 0.58 10.20
CA SER B 95 -18.69 1.57 9.39
C SER B 95 -18.69 1.07 7.95
N LEU B 96 -19.87 1.03 7.34
N LEU B 96 -19.87 0.98 7.36
CA LEU B 96 -20.07 0.49 5.97
CA LEU B 96 -20.06 0.48 5.96
C LEU B 96 -20.65 1.59 5.09
C LEU B 96 -20.62 1.61 5.10
N GLY B 97 -20.23 1.61 3.83
CA GLY B 97 -20.83 2.49 2.84
C GLY B 97 -20.01 2.48 1.57
N ASP B 98 -19.71 3.65 1.06
CA ASP B 98 -18.89 3.74 -0.17
C ASP B 98 -17.98 4.97 -0.14
N THR B 99 -17.00 4.94 -1.03
CA THR B 99 -16.06 6.04 -1.33
C THR B 99 -15.14 6.24 -0.12
N LEU B 100 -14.19 5.31 0.01
CA LEU B 100 -13.15 5.37 1.07
C LEU B 100 -12.21 6.55 0.82
N ALA B 101 -11.90 7.32 1.86
CA ALA B 101 -10.92 8.42 1.83
C ALA B 101 -9.95 8.30 2.99
N GLY B 102 -8.82 8.98 2.87
CA GLY B 102 -7.87 9.18 3.98
C GLY B 102 -7.00 7.96 4.21
N GLY B 103 -6.37 7.89 5.39
CA GLY B 103 -5.73 6.68 5.92
C GLY B 103 -4.21 6.72 5.93
N SER B 104 -3.59 7.74 5.32
CA SER B 104 -2.11 7.86 5.23
C SER B 104 -1.68 9.22 5.80
N GLY B 105 -1.56 9.30 7.12
CA GLY B 105 -1.31 10.57 7.83
C GLY B 105 -2.60 11.20 8.29
N SER B 106 -3.75 10.60 7.98
CA SER B 106 -5.08 11.03 8.46
C SER B 106 -5.95 9.78 8.61
N ASN B 107 -7.09 9.93 9.29
CA ASN B 107 -7.99 8.80 9.53
C ASN B 107 -8.67 8.39 8.24
N TYR B 108 -8.87 7.09 8.08
CA TYR B 108 -9.79 6.53 7.06
C TYR B 108 -11.21 6.99 7.38
N ASN B 109 -11.94 7.40 6.35
CA ASN B 109 -13.34 7.85 6.48
C ASN B 109 -14.09 7.41 5.23
N LEU B 110 -15.38 7.16 5.37
CA LEU B 110 -16.26 6.93 4.20
C LEU B 110 -16.89 8.28 3.82
N VAL B 111 -16.73 8.67 2.57
CA VAL B 111 -17.40 9.88 2.03
C VAL B 111 -18.91 9.67 2.12
N SER B 112 -19.39 8.47 1.79
CA SER B 112 -20.78 8.04 2.01
C SER B 112 -20.82 6.96 3.10
N GLN B 113 -20.98 7.38 4.35
CA GLN B 113 -21.19 6.44 5.48
C GLN B 113 -22.68 6.12 5.52
N GLU B 114 -23.02 4.86 5.29
CA GLU B 114 -24.43 4.37 5.22
C GLU B 114 -24.87 3.89 6.60
N VAL B 115 -24.07 3.04 7.23
CA VAL B 115 -24.41 2.40 8.53
C VAL B 115 -23.13 2.22 9.35
N SER B 116 -23.23 2.46 10.64
CA SER B 116 -22.11 2.27 11.59
C SER B 116 -22.63 1.56 12.84
N PHE B 117 -21.90 0.55 13.27
CA PHE B 117 -22.15 -0.24 14.50
C PHE B 117 -20.99 0.05 15.45
N THR B 118 -21.26 0.59 16.63
CA THR B 118 -20.21 0.88 17.64
C THR B 118 -20.54 0.19 18.96
N ASN B 119 -19.59 0.20 19.88
CA ASN B 119 -19.64 -0.57 21.16
C ASN B 119 -19.77 -2.06 20.84
N LEU B 120 -19.10 -2.52 19.79
CA LEU B 120 -19.22 -3.93 19.36
C LEU B 120 -18.52 -4.83 20.38
N GLY B 121 -17.49 -4.31 21.07
CA GLY B 121 -16.75 -5.08 22.08
C GLY B 121 -16.15 -6.37 21.51
N LEU B 122 -15.78 -6.39 20.23
CA LEU B 122 -15.12 -7.58 19.63
C LEU B 122 -13.66 -7.57 20.07
N ASN B 123 -13.14 -8.74 20.45
N ASN B 123 -13.17 -8.70 20.61
CA ASN B 123 -11.80 -8.88 21.05
CA ASN B 123 -11.77 -8.85 21.06
C ASN B 123 -11.30 -10.31 20.84
C ASN B 123 -11.32 -10.29 20.81
N SER B 124 -10.09 -10.47 20.33
CA SER B 124 -9.46 -11.80 20.13
C SER B 124 -7.97 -11.67 20.39
N LEU B 125 -7.41 -12.75 20.93
CA LEU B 125 -5.96 -12.87 21.18
C LEU B 125 -5.28 -13.42 19.92
N LYS B 126 -4.02 -13.08 19.74
CA LYS B 126 -3.17 -13.63 18.66
C LYS B 126 -3.29 -15.17 18.64
N GLU B 127 -3.22 -15.80 19.81
CA GLU B 127 -3.14 -17.28 19.95
C GLU B 127 -4.37 -17.97 19.34
N GLU B 128 -5.50 -17.27 19.19
CA GLU B 128 -6.74 -17.85 18.60
C GLU B 128 -6.59 -18.01 17.09
N GLY B 129 -5.65 -17.29 16.48
CA GLY B 129 -5.41 -17.39 15.03
C GLY B 129 -6.64 -16.97 14.25
N ARG B 130 -6.87 -17.57 13.08
CA ARG B 130 -7.93 -17.12 12.14
C ARG B 130 -9.33 -17.52 12.64
N ALA B 131 -9.43 -18.24 13.76
CA ALA B 131 -10.73 -18.56 14.40
C ALA B 131 -11.14 -17.44 15.36
N GLY B 132 -10.28 -16.46 15.63
CA GLY B 132 -10.65 -15.33 16.50
C GLY B 132 -11.83 -14.56 15.94
N GLU B 133 -12.71 -14.05 16.80
CA GLU B 133 -13.92 -13.32 16.34
C GLU B 133 -13.52 -12.10 15.50
N VAL B 134 -12.44 -11.42 15.87
CA VAL B 134 -12.03 -10.21 15.11
C VAL B 134 -11.70 -10.62 13.67
N HIS B 135 -10.90 -11.67 13.52
CA HIS B 135 -10.44 -12.12 12.19
C HIS B 135 -11.68 -12.52 11.36
N LYS B 136 -12.55 -13.35 11.94
CA LYS B 136 -13.71 -13.87 11.19
C LYS B 136 -14.64 -12.72 10.80
N VAL B 137 -14.92 -11.79 11.71
CA VAL B 137 -15.84 -10.66 11.40
C VAL B 137 -15.24 -9.83 10.26
N VAL B 138 -14.00 -9.39 10.42
CA VAL B 138 -13.42 -8.44 9.43
C VAL B 138 -13.14 -9.18 8.11
N TYR B 139 -12.62 -10.40 8.16
CA TYR B 139 -12.27 -11.12 6.91
C TYR B 139 -13.56 -11.43 6.15
N GLY B 140 -14.65 -11.69 6.89
CA GLY B 140 -15.95 -11.95 6.26
C GLY B 140 -16.35 -10.79 5.37
N LEU B 141 -16.21 -9.58 5.90
CA LEU B 141 -16.65 -8.35 5.19
C LEU B 141 -15.88 -8.15 3.90
N MET B 142 -14.64 -8.59 3.80
CA MET B 142 -13.91 -8.32 2.55
C MET B 142 -13.89 -9.55 1.65
N SER B 143 -14.59 -10.62 2.04
CA SER B 143 -14.61 -11.90 1.29
C SER B 143 -16.04 -12.32 0.92
N GLY B 144 -17.01 -11.40 0.99
CA GLY B 144 -18.38 -11.64 0.50
C GLY B 144 -19.25 -12.41 1.49
N ASP B 145 -18.88 -12.48 2.76
CA ASP B 145 -19.65 -13.18 3.82
C ASP B 145 -19.76 -12.31 5.07
N SER B 146 -20.89 -11.60 5.20
CA SER B 146 -21.22 -10.72 6.35
C SER B 146 -21.80 -11.52 7.53
N SER B 147 -21.91 -12.85 7.45
CA SER B 147 -22.65 -13.66 8.46
C SER B 147 -21.98 -13.56 9.84
N ALA B 148 -20.65 -13.47 9.94
CA ALA B 148 -19.98 -13.43 11.26
C ALA B 148 -20.33 -12.11 11.95
N LEU B 149 -20.27 -10.99 11.24
CA LEU B 149 -20.69 -9.69 11.80
C LEU B 149 -22.17 -9.80 12.18
N ALA B 150 -23.01 -10.34 11.28
CA ALA B 150 -24.46 -10.44 11.53
C ALA B 150 -24.70 -11.19 12.85
N GLY B 151 -24.00 -12.31 13.07
CA GLY B 151 -24.15 -13.13 14.28
C GLY B 151 -23.72 -12.38 15.52
N GLU B 152 -22.64 -11.62 15.45
CA GLU B 152 -22.14 -10.80 16.59
C GLU B 152 -23.15 -9.68 16.90
N ILE B 153 -23.68 -8.98 15.91
CA ILE B 153 -24.69 -7.92 16.12
C ILE B 153 -25.94 -8.56 16.74
N ASP B 154 -26.37 -9.72 16.21
CA ASP B 154 -27.57 -10.43 16.74
C ASP B 154 -27.37 -10.71 18.23
N ALA B 155 -26.22 -11.25 18.62
CA ALA B 155 -25.90 -11.57 20.03
C ALA B 155 -25.99 -10.30 20.89
N LEU B 156 -25.45 -9.17 20.42
CA LEU B 156 -25.43 -7.89 21.17
C LEU B 156 -26.85 -7.35 21.31
N LEU B 157 -27.68 -7.49 20.26
CA LEU B 157 -29.07 -6.98 20.29
C LEU B 157 -29.90 -7.85 21.24
N LYS B 158 -29.74 -9.19 21.19
CA LYS B 158 -30.53 -10.11 22.06
C LYS B 158 -30.12 -9.90 23.51
N ALA B 159 -28.87 -9.52 23.80
CA ALA B 159 -28.40 -9.20 25.17
C ALA B 159 -29.21 -8.03 25.73
N ILE B 160 -29.56 -7.04 24.89
CA ILE B 160 -30.40 -5.85 25.26
C ILE B 160 -31.83 -6.32 25.52
N ASP B 161 -32.46 -6.97 24.53
CA ASP B 161 -33.86 -7.45 24.64
C ASP B 161 -34.08 -8.60 23.66
N PRO B 162 -34.85 -9.66 24.03
CA PRO B 162 -35.09 -10.80 23.13
C PRO B 162 -35.89 -10.47 21.86
N SER B 163 -36.62 -9.34 21.85
CA SER B 163 -37.43 -8.87 20.70
C SER B 163 -36.52 -8.29 19.61
N LEU B 164 -35.28 -7.92 19.97
CA LEU B 164 -34.32 -7.22 19.08
C LEU B 164 -33.37 -8.23 18.47
N SER B 165 -33.21 -8.16 17.15
CA SER B 165 -32.36 -9.10 16.38
C SER B 165 -31.88 -8.41 15.11
N VAL B 166 -31.04 -9.09 14.34
CA VAL B 166 -30.60 -8.58 13.00
C VAL B 166 -31.81 -8.57 12.05
N ASN B 167 -32.93 -9.21 12.41
CA ASN B 167 -34.16 -9.21 11.59
C ASN B 167 -35.02 -7.98 11.92
N SER B 168 -34.60 -7.18 12.91
CA SER B 168 -35.25 -5.89 13.23
C SER B 168 -34.86 -4.86 12.16
N THR B 169 -35.78 -4.00 11.75
CA THR B 169 -35.44 -2.86 10.86
C THR B 169 -34.67 -1.81 11.67
N PHE B 170 -33.92 -0.96 10.97
CA PHE B 170 -33.20 0.16 11.61
C PHE B 170 -34.19 1.06 12.35
N ASP B 171 -35.32 1.40 11.72
CA ASP B 171 -36.37 2.24 12.34
C ASP B 171 -36.91 1.53 13.59
N ASP B 172 -37.11 0.19 13.55
CA ASP B 172 -37.49 -0.65 14.72
C ASP B 172 -36.46 -0.41 15.85
N LEU B 173 -35.16 -0.44 15.51
CA LEU B 173 -34.09 -0.32 16.53
C LEU B 173 -33.99 1.13 17.02
N ALA B 174 -34.38 2.11 16.20
CA ALA B 174 -34.43 3.54 16.62
C ALA B 174 -35.53 3.70 17.67
N ALA B 175 -36.71 3.10 17.44
CA ALA B 175 -37.85 3.11 18.39
C ALA B 175 -37.47 2.46 19.72
N ALA B 176 -36.50 1.54 19.71
CA ALA B 176 -36.01 0.79 20.89
C ALA B 176 -34.88 1.59 21.59
N GLY B 177 -34.40 2.67 20.99
CA GLY B 177 -33.32 3.53 21.55
C GLY B 177 -31.92 2.99 21.27
N VAL B 178 -31.77 2.07 20.32
CA VAL B 178 -30.49 1.39 20.00
C VAL B 178 -29.86 2.07 18.78
N ALA B 179 -30.68 2.56 17.85
CA ALA B 179 -30.21 3.13 16.57
C ALA B 179 -30.65 4.59 16.44
N HIS B 180 -29.98 5.34 15.57
CA HIS B 180 -30.15 6.80 15.39
C HIS B 180 -29.95 7.13 13.91
N VAL B 181 -30.88 7.86 13.30
CA VAL B 181 -30.77 8.32 11.88
C VAL B 181 -29.57 9.25 11.74
N ASN B 182 -28.79 9.03 10.67
CA ASN B 182 -27.84 9.96 10.00
C ASN B 182 -26.51 9.23 9.79
CAZ MQP C . 7.96 -2.52 9.33
CBA MQP C . 7.09 -2.71 10.43
CBB MQP C . 6.71 -1.64 11.22
CBC MQP C . 7.18 -0.37 10.89
CBD MQP C . 8.04 -0.18 9.81
CAY MQP C . 8.42 -1.25 8.99
CAA MQP C . 9.32 -1.07 7.81
CAJ MQP C . 10.61 -0.62 8.07
CAK MQP C . 11.18 -0.32 9.27
CAL MQP C . 12.43 0.05 9.11
CAM MQP C . 12.73 0.01 7.77
NAN MQP C . 11.59 -0.40 7.12
CAH MQP C . 8.80 -1.33 6.58
NAI MQP C . 9.46 -1.26 5.38
CAG MQP C . 7.52 -1.70 6.31
CAF MQP C . 7.39 -1.87 4.99
CAE MQP C . 8.58 -1.62 4.38
CAD MQP C . 8.86 -1.66 3.03
CBQ MQP C . 7.76 -2.11 2.13
CBR MQP C . 7.22 -1.21 1.24
CBS MQP C . 6.18 -1.56 0.37
CBT MQP C . 5.68 -2.85 0.39
CBU MQP C . 6.23 -3.79 1.26
CBV MQP C . 7.25 -3.42 2.12
CAW MQP C . 10.04 -1.36 2.42
NAX MQP C . 11.15 -0.93 3.05
CAV MQP C . 10.34 -1.43 1.09
CAU MQP C . 11.59 -1.02 0.90
CAT MQP C . 12.12 -0.69 2.11
CAC MQP C . 13.38 -0.24 2.36
CBK MQP C . 14.22 0.04 1.16
CBL MQP C . 15.46 -0.59 1.04
CBM MQP C . 16.25 -0.31 -0.05
CBN MQP C . 15.84 0.58 -1.03
CBO MQP C . 14.61 1.21 -0.94
CBP MQP C . 13.78 0.96 0.18
CAR MQP C . 13.94 0.01 3.60
NAS MQP C . 13.30 -0.11 4.81
CAQ MQP C . 15.24 0.36 3.88
CAP MQP C . 15.37 0.48 5.21
CAO MQP C . 14.18 0.20 5.80
CAB MQP C . 13.92 0.28 7.14
CBE MQP C . 15.06 0.73 7.97
CBF MQP C . 15.58 -0.08 9.02
CBG MQP C . 16.65 0.37 9.81
CBH MQP C . 17.21 1.62 9.57
CBI MQP C . 16.69 2.45 8.55
CBJ MQP C . 15.64 1.99 7.76
FE MQP C . 11.38 -0.68 5.07
C3' NHE D . 1.99 -4.49 2.59
C2' NHE D . 1.43 -3.51 1.56
C1' NHE D . 1.42 -2.08 2.04
C6' NHE D . 2.80 -1.67 2.52
N NHE D . 0.97 -1.21 0.99
C1 NHE D . -0.33 -0.55 1.01
C2 NHE D . -0.28 0.88 0.46
S NHE D . -1.80 1.55 0.37
O1 NHE D . -2.64 1.26 1.50
O2 NHE D . -2.33 0.91 -0.81
O3 NHE D . -1.63 3.15 0.15
C5' NHE D . 3.15 -2.50 3.75
C4' NHE D . 3.22 -3.97 3.34
C3' NHE E . 6.66 -14.23 1.61
C2' NHE E . 7.44 -12.93 1.32
C1' NHE E . 8.80 -13.21 0.69
C6' NHE E . 8.47 -13.93 -0.60
N NHE E . 9.60 -12.01 0.49
C1 NHE E . 11.05 -12.00 0.24
C2 NHE E . 11.81 -12.35 1.52
S NHE E . 13.48 -12.46 1.36
O1 NHE E . 13.96 -12.71 2.70
O2 NHE E . 13.85 -13.70 0.41
O3 NHE E . 13.98 -11.24 0.83
C5' NHE E . 8.01 -15.31 -0.18
C4' NHE E . 6.61 -15.14 0.38
CAZ MQP F . 1.00 -12.44 0.22
CBA MQP F . 2.17 -12.66 -0.52
CBB MQP F . 3.39 -12.55 0.11
CBC MQP F . 3.47 -12.24 1.46
CBD MQP F . 2.30 -12.00 2.19
CAY MQP F . 1.05 -12.10 1.58
CAA MQP F . -0.19 -11.83 2.40
CAJ MQP F . -1.04 -12.89 2.60
CAK MQP F . -0.91 -14.16 2.15
CAL MQP F . -1.94 -14.87 2.57
CAM MQP F . -2.77 -14.09 3.33
NAN MQP F . -2.20 -12.85 3.33
CAH MQP F . -0.34 -10.54 2.86
NAI MQP F . -1.37 -10.08 3.65
CAG MQP F . 0.49 -9.48 2.61
CAF MQP F . -0.01 -8.41 3.23
CAE MQP F . -1.16 -8.74 3.89
CAD MQP F . -1.97 -7.91 4.64
CBQ MQP F . -1.54 -6.48 4.78
CBR MQP F . -2.36 -5.49 4.19
CBS MQP F . -2.04 -4.13 4.23
CBT MQP F . -0.90 -3.75 4.93
CBU MQP F . -0.10 -4.72 5.57
CBV MQP F . -0.40 -6.08 5.50
CAW MQP F . -3.11 -8.26 5.28
NAX MQP F . -3.69 -9.50 5.25
CAV MQP F . -3.88 -7.49 6.09
CAU MQP F . -4.93 -8.21 6.51
CAT MQP F . -4.84 -9.46 5.99
CAC MQP F . -5.70 -10.51 6.21
CBK MQP F . -6.97 -10.19 6.94
CBL MQP F . -7.30 -10.90 8.09
CBM MQP F . -8.51 -10.66 8.74
CBN MQP F . -9.39 -9.70 8.26
CBO MQP F . -9.10 -9.00 7.10
CBP MQP F . -7.90 -9.25 6.44
CAR MQP F . -5.54 -11.84 5.78
NAS MQP F . -4.48 -12.31 4.99
CAQ MQP F . -6.37 -12.91 5.99
CAP MQP F . -5.84 -13.99 5.41
CAO MQP F . -4.70 -13.63 4.77
CAB MQP F . -3.92 -14.45 4.00
CBE MQP F . -4.41 -15.85 3.90
CBF MQP F . -3.63 -16.94 4.31
CBG MQP F . -4.09 -18.26 4.19
CBH MQP F . -5.38 -18.45 3.68
CBI MQP F . -6.16 -17.37 3.27
CBJ MQP F . -5.68 -16.08 3.37
FE MQP F . -2.96 -11.18 4.30
C3' NHE G . 5.79 -3.77 14.73
C2' NHE G . 4.68 -4.76 15.02
C1' NHE G . 4.50 -5.64 13.81
C6' NHE G . 5.71 -6.57 13.76
N NHE G . 3.18 -6.29 13.69
C1 NHE G . 2.40 -7.01 14.70
C2 NHE G . 2.77 -8.49 14.72
S NHE G . 1.82 -9.42 15.74
O1 NHE G . 0.45 -9.41 15.29
O2 NHE G . 2.40 -10.95 15.66
O3 NHE G . 1.99 -8.96 17.08
C5' NHE G . 7.02 -5.77 13.77
C4' NHE G . 7.10 -4.50 14.61
C1 GOL H . -16.11 5.98 8.69
O1 GOL H . -16.54 7.05 7.85
C2 GOL H . -15.14 6.46 9.75
O2 GOL H . -15.70 7.57 10.48
C3 GOL H . -14.77 5.37 10.73
O3 GOL H . -13.78 5.83 11.64
NA NA I . -3.26 -18.64 -4.99
#